data_7F69
#
_entry.id   7F69
#
_cell.length_a   97.944
_cell.length_b   97.944
_cell.length_c   65.581
_cell.angle_alpha   90.000
_cell.angle_beta   90.000
_cell.angle_gamma   120.000
#
_symmetry.space_group_name_H-M   'P 63'
#
loop_
_entity.id
_entity.type
_entity.pdbx_description
1 polymer 'Isoform 2 of WD repeat domain phosphoinositide-interacting protein 2'
2 polymer 'Isoform 2 of Autophagy-related protein 16-1'
3 water water
#
loop_
_entity_poly.entity_id
_entity_poly.type
_entity_poly.pdbx_seq_one_letter_code
_entity_poly.pdbx_strand_id
1 'polypeptide(L)'
;GPGSGQLLFANFNQDNTSLAVGSKSGYKFFSLSSVDKLEQIYECTDTEDVCIVERLFSSSLVAIVSLKAPRKLKVCHFKK
GTEICNYSYSNTILAVKLNRQRLIVCLEESLYIHNIRDMKVLHTIRETPPNPAGLCALSINNDNCYLAYPGSATIGEVQV
FDTINLRAANMIPAHDSPLAALAFDASGTKLATASEKGTVIRVFSIPEGQKLFEFRRGVKRCVSICSLAFSMDGMFLSAS
SNTETVHIFKLETVKEKPPEEPTTWTGYFGKVLMASTSYLPSQVTEMFNQGRAFATVRLPFCGHKNICSLATIQKIPRLL
VGAADGYLYMYNLDPQEGGECALMKQHRLDGSLV
;
A
2 'polypeptide(L)' GPGSAENEKDSRRRQARLQKELAEAAKEPLPVEQ C
#
# COMPACT_ATOMS: atom_id res chain seq x y z
N GLY A 3 -15.10 9.72 17.84
CA GLY A 3 -14.53 8.44 17.45
C GLY A 3 -13.20 8.58 16.73
N SER A 4 -12.48 9.67 17.03
CA SER A 4 -11.20 9.88 16.36
C SER A 4 -10.13 8.91 16.83
N GLY A 5 -10.28 8.33 18.02
CA GLY A 5 -9.37 7.33 18.52
C GLY A 5 -9.67 5.89 18.13
N GLN A 6 -10.84 5.64 17.54
CA GLN A 6 -11.23 4.28 17.12
CA GLN A 6 -11.22 4.28 17.13
C GLN A 6 -10.79 4.09 15.68
N LEU A 7 -9.59 3.56 15.51
CA LEU A 7 -8.94 3.51 14.22
C LEU A 7 -9.39 2.31 13.42
N LEU A 8 -9.48 2.51 12.09
CA LEU A 8 -9.85 1.46 11.17
C LEU A 8 -8.77 1.14 10.13
N PHE A 9 -7.84 2.04 9.87
CA PHE A 9 -6.98 1.94 8.69
C PHE A 9 -5.80 2.87 8.88
N ALA A 10 -4.63 2.41 8.45
CA ALA A 10 -3.48 3.29 8.35
C ALA A 10 -2.60 2.80 7.22
N ASN A 11 -2.06 3.74 6.44
CA ASN A 11 -1.15 3.36 5.38
C ASN A 11 -0.32 4.57 4.97
N PHE A 12 0.73 4.28 4.25
CA PHE A 12 1.58 5.29 3.74
C PHE A 12 1.22 5.56 2.30
N ASN A 13 1.54 6.75 1.83
CA ASN A 13 1.39 7.07 0.44
C ASN A 13 2.57 6.50 -0.40
N GLN A 14 2.53 6.69 -1.69
CA GLN A 14 3.43 6.02 -2.60
C GLN A 14 4.90 6.27 -2.39
N ASP A 15 5.26 7.44 -1.94
CA ASP A 15 6.67 7.76 -1.71
C ASP A 15 6.96 8.02 -0.25
N ASN A 16 6.08 7.55 0.64
CA ASN A 16 6.28 7.61 2.08
C ASN A 16 6.46 9.04 2.57
N THR A 17 5.78 9.99 1.96
CA THR A 17 5.79 11.36 2.43
C THR A 17 4.59 11.69 3.29
N SER A 18 3.57 10.84 3.31
CA SER A 18 2.31 11.08 4.01
C SER A 18 1.84 9.78 4.66
N LEU A 19 1.31 9.90 5.87
CA LEU A 19 0.62 8.84 6.58
C LEU A 19 -0.86 9.17 6.59
N ALA A 20 -1.70 8.23 6.14
CA ALA A 20 -3.14 8.39 6.20
C ALA A 20 -3.72 7.46 7.24
N VAL A 21 -4.64 7.97 8.03
CA VAL A 21 -5.28 7.21 9.09
C VAL A 21 -6.77 7.40 8.97
N GLY A 22 -7.51 6.30 8.89
CA GLY A 22 -8.94 6.33 8.86
C GLY A 22 -9.51 5.84 10.19
N SER A 23 -10.61 6.46 10.61
CA SER A 23 -11.21 6.15 11.90
C SER A 23 -12.73 6.26 11.81
N LYS A 24 -13.40 5.95 12.93
CA LYS A 24 -14.85 6.12 12.98
C LYS A 24 -15.25 7.57 12.69
N SER A 25 -14.41 8.54 13.04
CA SER A 25 -14.77 9.93 12.90
C SER A 25 -14.41 10.53 11.54
N GLY A 26 -13.63 9.86 10.75
CA GLY A 26 -13.19 10.47 9.52
C GLY A 26 -11.80 9.98 9.14
N TYR A 27 -11.01 10.86 8.53
CA TYR A 27 -9.63 10.50 8.22
C TYR A 27 -8.72 11.71 8.38
N LYS A 28 -7.44 11.41 8.55
CA LYS A 28 -6.42 12.39 8.77
C LYS A 28 -5.21 12.06 7.90
N PHE A 29 -4.47 13.09 7.52
CA PHE A 29 -3.15 12.93 6.93
C PHE A 29 -2.10 13.57 7.84
N PHE A 30 -0.95 12.90 7.92
CA PHE A 30 0.20 13.39 8.68
C PHE A 30 1.40 13.46 7.77
N SER A 31 2.21 14.49 7.94
CA SER A 31 3.46 14.61 7.22
C SER A 31 4.50 13.69 7.84
N LEU A 32 5.37 13.14 7.00
CA LEU A 32 6.49 12.32 7.45
C LEU A 32 7.82 13.00 7.14
N SER A 33 7.85 14.32 7.21
CA SER A 33 9.06 15.09 6.96
CA SER A 33 9.06 15.08 6.96
C SER A 33 9.94 15.22 8.20
N SER A 34 9.48 14.79 9.37
CA SER A 34 10.22 14.86 10.62
C SER A 34 9.96 13.59 11.40
N VAL A 35 10.93 13.17 12.21
CA VAL A 35 10.74 12.06 13.12
C VAL A 35 10.35 12.55 14.50
N ASP A 36 10.65 13.80 14.84
CA ASP A 36 10.47 14.28 16.20
CA ASP A 36 10.46 14.25 16.20
C ASP A 36 9.03 14.67 16.48
N LYS A 37 8.29 15.08 15.45
CA LYS A 37 6.87 15.38 15.57
C LYS A 37 6.17 14.71 14.41
N LEU A 38 4.89 14.40 14.60
CA LEU A 38 4.03 13.80 13.57
C LEU A 38 2.98 14.87 13.26
N GLU A 39 3.29 15.71 12.28
CA GLU A 39 2.52 16.91 12.03
C GLU A 39 1.26 16.56 11.24
N GLN A 40 0.10 16.80 11.84
CA GLN A 40 -1.15 16.69 11.13
C GLN A 40 -1.23 17.78 10.07
N ILE A 41 -1.54 17.39 8.84
CA ILE A 41 -1.72 18.36 7.76
C ILE A 41 -3.14 18.42 7.24
N TYR A 42 -4.02 17.47 7.58
CA TYR A 42 -5.40 17.49 7.14
C TYR A 42 -6.25 16.59 8.01
N GLU A 43 -7.50 16.98 8.22
CA GLU A 43 -8.51 16.13 8.82
C GLU A 43 -9.82 16.39 8.10
N CYS A 44 -10.58 15.34 7.83
CA CYS A 44 -11.92 15.43 7.28
C CYS A 44 -12.86 14.57 8.10
N THR A 45 -13.99 15.12 8.53
CA THR A 45 -15.01 14.36 9.23
C THR A 45 -16.32 14.26 8.44
N ASP A 46 -16.33 14.61 7.15
CA ASP A 46 -17.57 14.57 6.38
C ASP A 46 -18.04 13.14 6.14
N THR A 47 -17.12 12.18 6.11
CA THR A 47 -17.44 10.78 5.90
C THR A 47 -16.99 10.04 7.15
N GLU A 48 -17.89 9.31 7.78
CA GLU A 48 -17.57 8.54 8.96
C GLU A 48 -17.16 7.12 8.57
N ASP A 49 -16.57 6.42 9.53
CA ASP A 49 -16.18 5.00 9.41
C ASP A 49 -15.31 4.75 8.17
N VAL A 50 -14.23 5.52 8.05
CA VAL A 50 -13.38 5.46 6.87
C VAL A 50 -12.43 4.28 7.02
N CYS A 51 -12.65 3.26 6.20
CA CYS A 51 -11.93 1.98 6.21
C CYS A 51 -10.89 1.82 5.13
N ILE A 52 -10.88 2.65 4.11
CA ILE A 52 -9.81 2.73 3.12
C ILE A 52 -9.63 4.21 2.79
N VAL A 53 -8.38 4.69 2.80
CA VAL A 53 -8.08 6.03 2.34
C VAL A 53 -6.75 5.99 1.63
N GLU A 54 -6.75 6.32 0.34
CA GLU A 54 -5.57 6.21 -0.51
C GLU A 54 -5.32 7.51 -1.23
N ARG A 55 -4.20 8.15 -0.93
CA ARG A 55 -3.77 9.36 -1.60
CA ARG A 55 -3.81 9.37 -1.61
C ARG A 55 -3.03 9.05 -2.89
N LEU A 56 -2.98 10.04 -3.78
CA LEU A 56 -2.07 10.00 -4.93
C LEU A 56 -0.86 10.91 -4.67
N PHE A 57 0.25 10.31 -4.23
CA PHE A 57 1.49 11.03 -3.89
C PHE A 57 1.10 12.21 -3.00
N SER A 58 1.54 13.42 -3.30
CA SER A 58 1.22 14.61 -2.50
C SER A 58 0.27 15.55 -3.24
N SER A 59 -0.50 15.01 -4.19
CA SER A 59 -1.58 15.71 -4.85
C SER A 59 -2.79 15.84 -3.92
N SER A 60 -3.84 16.44 -4.45
CA SER A 60 -5.07 16.63 -3.71
C SER A 60 -6.09 15.52 -3.96
N LEU A 61 -5.74 14.48 -4.71
CA LEU A 61 -6.66 13.42 -5.06
CA LEU A 61 -6.67 13.43 -5.05
C LEU A 61 -6.61 12.34 -3.99
N VAL A 62 -7.79 11.95 -3.48
CA VAL A 62 -7.91 10.88 -2.50
C VAL A 62 -9.09 9.98 -2.87
N ALA A 63 -8.89 8.67 -2.69
CA ALA A 63 -9.93 7.68 -2.82
C ALA A 63 -10.29 7.16 -1.44
N ILE A 64 -11.58 7.12 -1.13
CA ILE A 64 -12.14 6.86 0.18
CA ILE A 64 -11.98 6.68 0.18
C ILE A 64 -13.18 5.75 0.10
N VAL A 65 -13.23 4.84 1.08
CA VAL A 65 -14.33 3.92 1.27
C VAL A 65 -14.75 3.98 2.74
N SER A 66 -16.05 3.97 2.98
CA SER A 66 -16.63 3.94 4.31
C SER A 66 -17.34 2.61 4.58
N LEU A 67 -17.29 2.20 5.87
CA LEU A 67 -17.99 0.99 6.28
C LEU A 67 -19.48 1.14 6.13
N LYS A 68 -19.99 2.37 6.07
CA LYS A 68 -21.42 2.54 5.90
C LYS A 68 -21.88 2.17 4.51
N ALA A 69 -20.96 2.17 3.54
CA ALA A 69 -21.29 1.88 2.14
C ALA A 69 -20.08 1.15 1.57
N PRO A 70 -19.88 -0.10 1.97
CA PRO A 70 -18.57 -0.74 1.71
C PRO A 70 -18.34 -1.16 0.28
N ARG A 71 -19.32 -1.02 -0.60
CA ARG A 71 -19.18 -1.30 -2.00
C ARG A 71 -18.95 -0.03 -2.80
N LYS A 72 -18.85 1.13 -2.15
CA LYS A 72 -18.81 2.41 -2.84
C LYS A 72 -17.44 3.07 -2.69
N LEU A 73 -16.83 3.44 -3.81
CA LEU A 73 -15.60 4.22 -3.84
C LEU A 73 -15.93 5.69 -4.10
N LYS A 74 -15.37 6.58 -3.29
CA LYS A 74 -15.52 8.02 -3.49
CA LYS A 74 -15.51 8.02 -3.49
C LYS A 74 -14.15 8.57 -3.85
N VAL A 75 -14.08 9.37 -4.89
CA VAL A 75 -12.84 10.04 -5.27
C VAL A 75 -13.06 11.51 -5.01
N CYS A 76 -12.16 12.14 -4.26
CA CYS A 76 -12.35 13.50 -3.77
C CYS A 76 -11.13 14.37 -4.06
N HIS A 77 -11.37 15.68 -4.10
CA HIS A 77 -10.32 16.71 -4.04
C HIS A 77 -10.33 17.17 -2.60
N PHE A 78 -9.37 16.69 -1.79
CA PHE A 78 -9.56 16.87 -0.34
C PHE A 78 -9.37 18.31 0.10
N LYS A 79 -8.57 19.09 -0.62
CA LYS A 79 -8.38 20.47 -0.22
C LYS A 79 -9.57 21.34 -0.57
N LYS A 80 -10.22 21.08 -1.70
CA LYS A 80 -11.45 21.77 -2.05
C LYS A 80 -12.64 21.23 -1.26
N GLY A 81 -12.54 20.03 -0.72
CA GLY A 81 -13.63 19.41 0.01
C GLY A 81 -14.73 18.90 -0.87
N THR A 82 -14.43 18.57 -2.12
CA THR A 82 -15.44 18.19 -3.09
C THR A 82 -15.32 16.71 -3.42
N GLU A 83 -16.45 16.05 -3.60
CA GLU A 83 -16.44 14.74 -4.22
C GLU A 83 -16.45 14.92 -5.74
N ILE A 84 -15.50 14.27 -6.40
CA ILE A 84 -15.38 14.35 -7.84
C ILE A 84 -16.27 13.32 -8.50
N CYS A 85 -16.27 12.11 -7.97
CA CYS A 85 -17.08 11.05 -8.55
C CYS A 85 -17.15 9.90 -7.56
N ASN A 86 -18.04 8.97 -7.84
CA ASN A 86 -18.14 7.76 -7.06
C ASN A 86 -18.52 6.62 -7.97
N TYR A 87 -18.24 5.42 -7.50
CA TYR A 87 -18.47 4.20 -8.27
C TYR A 87 -18.82 3.11 -7.26
N SER A 88 -19.86 2.33 -7.55
CA SER A 88 -20.27 1.22 -6.70
C SER A 88 -20.05 -0.08 -7.44
N TYR A 89 -19.62 -1.08 -6.67
CA TYR A 89 -19.23 -2.40 -7.15
C TYR A 89 -20.20 -3.46 -6.63
N SER A 90 -20.08 -4.65 -7.23
CA SER A 90 -21.01 -5.73 -6.89
C SER A 90 -20.75 -6.36 -5.53
N ASN A 91 -19.62 -6.06 -4.89
CA ASN A 91 -19.23 -6.70 -3.65
C ASN A 91 -18.34 -5.72 -2.90
N THR A 92 -18.03 -6.07 -1.66
CA THR A 92 -17.21 -5.27 -0.78
C THR A 92 -15.87 -4.95 -1.39
N ILE A 93 -15.49 -3.67 -1.36
CA ILE A 93 -14.16 -3.27 -1.80
C ILE A 93 -13.16 -3.76 -0.76
N LEU A 94 -12.16 -4.53 -1.20
CA LEU A 94 -11.16 -5.05 -0.29
C LEU A 94 -9.86 -4.27 -0.32
N ALA A 95 -9.52 -3.65 -1.44
CA ALA A 95 -8.32 -2.86 -1.51
C ALA A 95 -8.48 -1.88 -2.65
N VAL A 96 -7.79 -0.74 -2.52
CA VAL A 96 -7.70 0.27 -3.56
C VAL A 96 -6.23 0.64 -3.70
N LYS A 97 -5.73 0.64 -4.92
CA LYS A 97 -4.37 1.06 -5.19
C LYS A 97 -4.36 2.06 -6.31
N LEU A 98 -3.44 3.01 -6.28
CA LEU A 98 -3.40 3.92 -7.39
C LEU A 98 -2.00 4.44 -7.66
N ASN A 99 -1.85 4.89 -8.90
CA ASN A 99 -0.65 5.61 -9.31
C ASN A 99 -1.10 6.73 -10.25
N ARG A 100 -0.14 7.37 -10.91
CA ARG A 100 -0.52 8.55 -11.71
C ARG A 100 -1.31 8.22 -12.97
N GLN A 101 -1.40 6.94 -13.37
CA GLN A 101 -2.14 6.54 -14.56
CA GLN A 101 -2.14 6.54 -14.56
C GLN A 101 -3.37 5.69 -14.26
N ARG A 102 -3.36 4.92 -13.19
CA ARG A 102 -4.39 3.91 -13.00
C ARG A 102 -4.82 3.81 -11.54
N LEU A 103 -6.08 3.44 -11.36
CA LEU A 103 -6.64 3.14 -10.04
C LEU A 103 -7.21 1.75 -10.13
N ILE A 104 -6.84 0.90 -9.19
CA ILE A 104 -7.26 -0.50 -9.13
C ILE A 104 -8.16 -0.69 -7.92
N VAL A 105 -9.26 -1.40 -8.12
CA VAL A 105 -10.16 -1.81 -7.03
C VAL A 105 -10.17 -3.33 -7.01
N CYS A 106 -9.90 -3.91 -5.85
CA CYS A 106 -9.87 -5.35 -5.70
C CYS A 106 -11.12 -5.77 -4.92
N LEU A 107 -11.90 -6.67 -5.52
CA LEU A 107 -12.97 -7.42 -4.88
C LEU A 107 -12.51 -8.86 -4.69
N GLU A 108 -13.34 -9.67 -4.03
CA GLU A 108 -12.91 -11.03 -3.75
C GLU A 108 -12.63 -11.82 -5.03
N GLU A 109 -13.45 -11.63 -6.08
CA GLU A 109 -13.35 -12.44 -7.28
C GLU A 109 -13.19 -11.61 -8.54
N SER A 110 -12.92 -10.30 -8.40
CA SER A 110 -12.68 -9.48 -9.56
CA SER A 110 -12.81 -9.38 -9.53
C SER A 110 -11.78 -8.30 -9.21
N LEU A 111 -11.08 -7.81 -10.24
CA LEU A 111 -10.23 -6.63 -10.13
C LEU A 111 -10.62 -5.63 -11.20
N TYR A 112 -10.80 -4.38 -10.83
CA TYR A 112 -11.23 -3.34 -11.76
C TYR A 112 -10.06 -2.40 -12.01
N ILE A 113 -9.76 -2.14 -13.27
CA ILE A 113 -8.67 -1.27 -13.66
C ILE A 113 -9.28 -0.01 -14.27
N HIS A 114 -9.16 1.10 -13.55
CA HIS A 114 -9.67 2.38 -13.98
C HIS A 114 -8.56 3.27 -14.53
N ASN A 115 -8.89 4.06 -15.55
CA ASN A 115 -8.07 5.18 -15.97
C ASN A 115 -8.26 6.31 -14.95
N ILE A 116 -7.19 6.71 -14.28
CA ILE A 116 -7.37 7.73 -13.23
C ILE A 116 -7.61 9.11 -13.82
N ARG A 117 -7.36 9.30 -15.11
CA ARG A 117 -7.63 10.58 -15.74
C ARG A 117 -9.12 10.83 -15.98
N ASP A 118 -9.94 9.78 -16.07
CA ASP A 118 -11.38 9.96 -16.28
C ASP A 118 -12.24 8.99 -15.49
N MET A 119 -11.65 8.12 -14.66
CA MET A 119 -12.27 7.06 -13.86
C MET A 119 -13.06 6.04 -14.67
N LYS A 120 -12.89 5.98 -15.99
CA LYS A 120 -13.52 4.91 -16.75
C LYS A 120 -12.83 3.60 -16.45
N VAL A 121 -13.61 2.52 -16.45
CA VAL A 121 -13.07 1.17 -16.32
C VAL A 121 -12.47 0.75 -17.66
N LEU A 122 -11.17 0.52 -17.68
CA LEU A 122 -10.52 0.08 -18.91
C LEU A 122 -10.58 -1.42 -19.07
N HIS A 123 -10.61 -2.17 -17.98
CA HIS A 123 -10.48 -3.61 -18.00
C HIS A 123 -10.98 -4.12 -16.66
N THR A 124 -11.68 -5.24 -16.68
CA THR A 124 -12.04 -5.98 -15.48
C THR A 124 -11.51 -7.39 -15.60
N ILE A 125 -10.76 -7.82 -14.59
CA ILE A 125 -10.30 -9.19 -14.45
C ILE A 125 -11.36 -9.93 -13.64
N ARG A 126 -12.06 -10.88 -14.26
CA ARG A 126 -13.18 -11.58 -13.64
C ARG A 126 -12.80 -13.03 -13.34
N GLU A 127 -13.60 -13.64 -12.45
CA GLU A 127 -13.42 -15.02 -12.01
C GLU A 127 -11.99 -15.27 -11.53
N THR A 128 -11.49 -14.36 -10.73
CA THR A 128 -10.17 -14.59 -10.17
C THR A 128 -10.22 -15.68 -9.12
N PRO A 129 -9.10 -16.33 -8.84
CA PRO A 129 -9.00 -17.13 -7.61
C PRO A 129 -9.48 -16.30 -6.44
N PRO A 130 -10.29 -16.86 -5.56
CA PRO A 130 -10.89 -16.03 -4.52
C PRO A 130 -9.82 -15.43 -3.64
N ASN A 131 -9.94 -14.12 -3.40
CA ASN A 131 -8.93 -13.32 -2.72
C ASN A 131 -9.61 -12.52 -1.63
N PRO A 132 -10.12 -13.20 -0.59
CA PRO A 132 -10.86 -12.48 0.47
C PRO A 132 -10.02 -11.51 1.26
N ALA A 133 -8.70 -11.65 1.25
CA ALA A 133 -7.78 -10.74 1.88
C ALA A 133 -7.49 -9.49 1.07
N GLY A 134 -7.83 -9.50 -0.21
CA GLY A 134 -7.56 -8.34 -1.04
C GLY A 134 -6.08 -8.15 -1.29
N LEU A 135 -5.34 -9.24 -1.33
CA LEU A 135 -3.90 -9.16 -1.55
C LEU A 135 -3.59 -8.81 -3.01
N CYS A 136 -2.86 -7.74 -3.22
CA CYS A 136 -2.49 -7.30 -4.56
C CYS A 136 -1.47 -6.20 -4.40
N ALA A 137 -0.79 -5.89 -5.50
CA ALA A 137 0.21 -4.82 -5.49
C ALA A 137 0.17 -4.12 -6.83
N LEU A 138 0.41 -2.82 -6.82
CA LEU A 138 0.44 -1.98 -8.02
C LEU A 138 1.71 -1.15 -8.04
N SER A 139 2.46 -1.20 -9.14
CA SER A 139 3.69 -0.41 -9.21
CA SER A 139 3.69 -0.41 -9.21
C SER A 139 3.36 1.07 -9.15
N ILE A 140 4.21 1.84 -8.44
CA ILE A 140 4.01 3.28 -8.29
C ILE A 140 4.67 4.06 -9.40
N ASN A 141 5.44 3.40 -10.24
CA ASN A 141 6.27 4.06 -11.22
C ASN A 141 5.46 4.56 -12.40
N ASN A 142 5.89 5.69 -12.97
CA ASN A 142 5.19 6.23 -14.12
C ASN A 142 5.37 5.36 -15.37
N ASP A 143 6.49 4.63 -15.46
CA ASP A 143 6.88 3.92 -16.68
C ASP A 143 6.57 2.45 -16.67
N ASN A 144 6.69 1.76 -15.53
CA ASN A 144 6.44 0.32 -15.44
C ASN A 144 5.21 0.10 -14.56
N CYS A 145 4.04 -0.07 -15.20
CA CYS A 145 2.74 0.03 -14.53
C CYS A 145 2.06 -1.33 -14.32
N TYR A 146 2.66 -2.18 -13.53
CA TYR A 146 2.19 -3.54 -13.40
C TYR A 146 1.34 -3.73 -12.17
N LEU A 147 0.37 -4.63 -12.29
CA LEU A 147 -0.44 -5.12 -11.20
C LEU A 147 -0.07 -6.57 -10.94
N ALA A 148 0.11 -6.95 -9.68
CA ALA A 148 0.39 -8.31 -9.26
C ALA A 148 -0.72 -8.80 -8.34
N TYR A 149 -1.21 -10.02 -8.56
CA TYR A 149 -2.23 -10.57 -7.68
C TYR A 149 -2.12 -12.08 -7.71
N PRO A 150 -2.79 -12.78 -6.80
CA PRO A 150 -2.62 -14.24 -6.73
C PRO A 150 -3.30 -14.94 -7.89
N GLY A 151 -2.55 -15.79 -8.57
CA GLY A 151 -3.06 -16.57 -9.68
C GLY A 151 -3.64 -17.89 -9.31
N SER A 152 -3.54 -18.26 -8.03
CA SER A 152 -4.16 -19.44 -7.44
C SER A 152 -4.41 -19.12 -5.97
N ALA A 153 -5.46 -19.72 -5.43
CA ALA A 153 -5.73 -19.58 -4.01
C ALA A 153 -5.06 -20.67 -3.17
N THR A 154 -4.56 -21.73 -3.80
CA THR A 154 -3.89 -22.82 -3.10
C THR A 154 -2.40 -22.94 -3.38
N ILE A 155 -1.89 -22.32 -4.43
CA ILE A 155 -0.48 -22.31 -4.82
C ILE A 155 -0.05 -20.85 -4.90
N GLY A 156 1.22 -20.58 -4.56
CA GLY A 156 1.74 -19.22 -4.61
C GLY A 156 2.20 -18.73 -5.96
N GLU A 157 1.31 -18.82 -6.96
CA GLU A 157 1.53 -18.25 -8.28
C GLU A 157 1.11 -16.77 -8.33
N VAL A 158 1.91 -15.95 -8.98
CA VAL A 158 1.65 -14.51 -9.10
C VAL A 158 1.28 -14.20 -10.54
N GLN A 159 0.09 -13.67 -10.75
CA GLN A 159 -0.24 -13.07 -12.03
C GLN A 159 0.29 -11.65 -12.05
N VAL A 160 0.98 -11.31 -13.12
CA VAL A 160 1.53 -9.99 -13.37
C VAL A 160 0.82 -9.45 -14.59
N PHE A 161 0.21 -8.27 -14.46
CA PHE A 161 -0.63 -7.73 -15.51
C PHE A 161 -0.19 -6.31 -15.83
N ASP A 162 0.05 -6.04 -17.10
CA ASP A 162 0.40 -4.69 -17.59
C ASP A 162 -0.87 -3.86 -17.70
N THR A 163 -1.02 -2.85 -16.86
CA THR A 163 -2.29 -2.11 -16.84
C THR A 163 -2.36 -0.96 -17.84
N ILE A 164 -1.32 -0.76 -18.66
CA ILE A 164 -1.40 0.19 -19.77
C ILE A 164 -1.77 -0.53 -21.06
N ASN A 165 -1.04 -1.59 -21.35
CA ASN A 165 -1.32 -2.40 -22.53
C ASN A 165 -2.53 -3.30 -22.33
N LEU A 166 -2.97 -3.48 -21.08
CA LEU A 166 -4.11 -4.33 -20.72
C LEU A 166 -3.88 -5.78 -21.19
N ARG A 167 -2.71 -6.32 -20.83
CA ARG A 167 -2.39 -7.71 -21.13
C ARG A 167 -1.49 -8.29 -20.04
N ALA A 168 -1.56 -9.61 -19.89
CA ALA A 168 -0.77 -10.29 -18.89
C ALA A 168 0.69 -10.38 -19.29
N ALA A 169 1.55 -10.34 -18.29
CA ALA A 169 2.93 -10.78 -18.40
C ALA A 169 2.98 -12.25 -17.99
N ASN A 170 4.18 -12.78 -17.82
CA ASN A 170 4.32 -14.16 -17.43
C ASN A 170 3.87 -14.35 -15.98
N MET A 171 3.14 -15.42 -15.76
CA MET A 171 2.85 -15.87 -14.40
C MET A 171 4.15 -16.31 -13.74
N ILE A 172 4.36 -15.91 -12.50
CA ILE A 172 5.55 -16.26 -11.73
C ILE A 172 5.14 -17.36 -10.74
N PRO A 173 5.69 -18.56 -10.83
CA PRO A 173 5.45 -19.57 -9.80
C PRO A 173 6.38 -19.29 -8.62
N ALA A 174 5.95 -18.33 -7.77
CA ALA A 174 6.85 -17.75 -6.78
C ALA A 174 7.06 -18.65 -5.57
N HIS A 175 5.98 -19.28 -5.09
CA HIS A 175 6.02 -20.15 -3.91
C HIS A 175 5.08 -21.34 -4.10
N ASP A 176 5.42 -22.44 -3.43
CA ASP A 176 4.50 -23.56 -3.39
C ASP A 176 3.24 -23.23 -2.58
N SER A 177 3.41 -22.73 -1.38
CA SER A 177 2.31 -22.34 -0.51
CA SER A 177 2.23 -22.41 -0.61
C SER A 177 1.67 -21.04 -1.00
N PRO A 178 0.42 -20.77 -0.60
CA PRO A 178 -0.25 -19.54 -1.03
C PRO A 178 0.51 -18.28 -0.66
N LEU A 179 0.31 -17.26 -1.47
CA LEU A 179 0.93 -15.96 -1.22
C LEU A 179 0.39 -15.33 0.04
N ALA A 180 1.30 -14.68 0.76
CA ALA A 180 0.97 -13.88 1.93
C ALA A 180 1.23 -12.40 1.77
N ALA A 181 2.21 -12.00 0.96
CA ALA A 181 2.54 -10.61 0.80
C ALA A 181 3.19 -10.39 -0.55
N LEU A 182 3.03 -9.18 -1.08
CA LEU A 182 3.54 -8.73 -2.36
C LEU A 182 3.91 -7.27 -2.27
N ALA A 183 5.03 -6.87 -2.89
CA ALA A 183 5.39 -5.47 -3.01
C ALA A 183 6.27 -5.25 -4.23
N PHE A 184 5.98 -4.21 -5.00
CA PHE A 184 6.90 -3.72 -6.02
C PHE A 184 7.91 -2.75 -5.41
N ASP A 185 9.11 -2.72 -5.98
CA ASP A 185 10.02 -1.62 -5.68
C ASP A 185 9.54 -0.35 -6.39
N ALA A 186 10.19 0.77 -6.08
CA ALA A 186 9.74 2.05 -6.63
C ALA A 186 9.94 2.14 -8.13
N SER A 187 10.88 1.38 -8.68
CA SER A 187 11.08 1.36 -10.12
C SER A 187 10.03 0.56 -10.87
N GLY A 188 9.28 -0.30 -10.19
CA GLY A 188 8.39 -1.24 -10.86
C GLY A 188 9.07 -2.39 -11.57
N THR A 189 10.38 -2.56 -11.42
CA THR A 189 11.08 -3.62 -12.14
C THR A 189 11.47 -4.77 -11.23
N LYS A 190 11.06 -4.75 -9.97
CA LYS A 190 11.26 -5.84 -9.03
C LYS A 190 10.01 -6.05 -8.19
N LEU A 191 9.73 -7.30 -7.90
CA LEU A 191 8.60 -7.69 -7.06
C LEU A 191 9.08 -8.61 -5.96
N ALA A 192 8.79 -8.25 -4.72
CA ALA A 192 9.05 -9.08 -3.56
C ALA A 192 7.80 -9.88 -3.20
N THR A 193 8.02 -11.13 -2.81
CA THR A 193 6.93 -12.03 -2.48
C THR A 193 7.27 -12.83 -1.23
N ALA A 194 6.24 -13.25 -0.53
CA ALA A 194 6.33 -14.17 0.58
C ALA A 194 5.09 -15.04 0.60
N SER A 195 5.23 -16.25 1.14
CA SER A 195 4.15 -17.20 1.22
C SER A 195 3.70 -17.40 2.65
N GLU A 196 2.61 -18.15 2.79
CA GLU A 196 2.11 -18.47 4.11
C GLU A 196 3.11 -19.28 4.91
N LYS A 197 3.95 -20.05 4.23
CA LYS A 197 4.98 -20.81 4.92
C LYS A 197 6.02 -19.88 5.54
N GLY A 198 6.44 -18.87 4.79
CA GLY A 198 7.20 -17.76 5.31
C GLY A 198 8.66 -18.01 5.52
N THR A 199 9.22 -19.06 4.92
CA THR A 199 10.63 -19.40 5.12
C THR A 199 11.54 -18.45 4.38
N VAL A 200 11.17 -18.08 3.17
CA VAL A 200 12.00 -17.22 2.33
C VAL A 200 11.17 -16.06 1.79
N ILE A 201 11.87 -14.96 1.55
CA ILE A 201 11.35 -13.81 0.83
C ILE A 201 12.05 -13.82 -0.51
N ARG A 202 11.29 -13.79 -1.59
CA ARG A 202 11.88 -13.84 -2.93
C ARG A 202 11.69 -12.51 -3.62
N VAL A 203 12.64 -12.16 -4.50
CA VAL A 203 12.56 -10.95 -5.30
C VAL A 203 12.75 -11.35 -6.74
N PHE A 204 11.79 -10.98 -7.59
CA PHE A 204 11.77 -11.31 -9.02
C PHE A 204 11.89 -10.06 -9.87
N SER A 205 12.60 -10.20 -10.98
CA SER A 205 12.57 -9.17 -11.99
C SER A 205 11.18 -9.12 -12.63
N ILE A 206 10.77 -7.92 -13.03
CA ILE A 206 9.48 -7.67 -13.65
C ILE A 206 9.74 -6.96 -14.96
N PRO A 207 9.18 -7.45 -16.11
CA PRO A 207 8.19 -8.53 -16.20
C PRO A 207 8.74 -9.93 -16.48
N GLU A 208 10.06 -10.08 -16.47
CA GLU A 208 10.67 -11.33 -16.89
C GLU A 208 10.49 -12.45 -15.88
N GLY A 209 10.24 -12.16 -14.61
CA GLY A 209 9.96 -13.22 -13.67
C GLY A 209 11.16 -14.02 -13.22
N GLN A 210 12.37 -13.51 -13.42
CA GLN A 210 13.58 -14.23 -13.02
C GLN A 210 13.89 -13.91 -11.56
N LYS A 211 14.18 -14.96 -10.78
CA LYS A 211 14.49 -14.77 -9.37
C LYS A 211 15.83 -14.05 -9.26
N LEU A 212 15.83 -12.92 -8.56
CA LEU A 212 17.02 -12.11 -8.34
C LEU A 212 17.63 -12.30 -6.96
N PHE A 213 16.79 -12.50 -5.93
CA PHE A 213 17.24 -12.60 -4.56
C PHE A 213 16.34 -13.60 -3.86
N GLU A 214 16.90 -14.27 -2.86
CA GLU A 214 16.15 -15.11 -1.96
C GLU A 214 16.76 -14.88 -0.59
N PHE A 215 15.93 -14.38 0.32
CA PHE A 215 16.33 -14.05 1.67
C PHE A 215 15.72 -15.05 2.62
N ARG A 216 16.54 -15.66 3.43
CA ARG A 216 16.01 -16.56 4.44
C ARG A 216 15.48 -15.68 5.54
N ARG A 217 14.15 -15.63 5.67
CA ARG A 217 13.56 -15.00 6.85
C ARG A 217 14.10 -15.69 8.09
N GLY A 218 14.18 -17.02 8.03
CA GLY A 218 14.87 -17.80 9.04
C GLY A 218 14.53 -19.26 8.87
N VAL A 219 14.75 -20.04 9.93
CA VAL A 219 14.32 -21.43 9.90
C VAL A 219 12.81 -21.44 9.77
N LYS A 220 12.27 -22.50 9.16
CA LYS A 220 10.84 -22.49 8.88
C LYS A 220 10.07 -22.49 10.19
N ARG A 221 8.95 -21.78 10.21
CA ARG A 221 8.19 -21.59 11.44
C ARG A 221 6.80 -21.12 11.05
N CYS A 222 5.92 -21.11 12.04
CA CYS A 222 4.59 -20.53 11.87
C CYS A 222 4.72 -19.02 11.89
N VAL A 223 4.46 -18.39 10.75
CA VAL A 223 4.51 -16.97 10.68
C VAL A 223 3.55 -16.44 9.62
N SER A 224 2.97 -15.26 9.79
CA SER A 224 2.25 -14.69 8.70
C SER A 224 2.91 -13.35 8.34
N ILE A 225 3.71 -13.35 7.29
CA ILE A 225 4.30 -12.13 6.81
C ILE A 225 3.19 -11.27 6.25
N CYS A 226 3.13 -10.03 6.70
CA CYS A 226 2.02 -9.17 6.32
C CYS A 226 2.43 -7.98 5.48
N SER A 227 3.68 -7.53 5.59
CA SER A 227 4.10 -6.28 4.97
C SER A 227 5.49 -6.48 4.42
N LEU A 228 5.66 -6.21 3.14
CA LEU A 228 6.95 -6.09 2.48
C LEU A 228 7.07 -4.67 1.97
N ALA A 229 8.26 -4.09 2.12
CA ALA A 229 8.47 -2.72 1.67
C ALA A 229 9.90 -2.53 1.22
N PHE A 230 10.08 -1.87 0.08
CA PHE A 230 11.39 -1.50 -0.42
C PHE A 230 11.70 -0.04 -0.05
N SER A 231 12.97 0.22 0.20
CA SER A 231 13.41 1.60 0.24
C SER A 231 13.29 2.21 -1.16
N MET A 232 13.22 3.53 -1.24
CA MET A 232 12.99 4.13 -2.55
C MET A 232 14.13 3.87 -3.52
N ASP A 233 15.36 3.66 -3.03
CA ASP A 233 16.48 3.36 -3.92
C ASP A 233 16.60 1.87 -4.25
N GLY A 234 15.73 1.01 -3.68
CA GLY A 234 15.70 -0.41 -3.96
C GLY A 234 16.74 -1.24 -3.22
N MET A 235 17.52 -0.62 -2.35
CA MET A 235 18.65 -1.32 -1.76
C MET A 235 18.25 -2.15 -0.56
N PHE A 236 17.14 -1.81 0.08
CA PHE A 236 16.70 -2.49 1.30
C PHE A 236 15.25 -2.95 1.14
N LEU A 237 14.95 -4.07 1.80
CA LEU A 237 13.61 -4.68 1.76
C LEU A 237 13.29 -5.13 3.18
N SER A 238 12.18 -4.64 3.72
CA SER A 238 11.74 -5.00 5.04
C SER A 238 10.59 -5.99 4.95
N ALA A 239 10.52 -6.86 5.96
CA ALA A 239 9.49 -7.89 6.05
C ALA A 239 9.03 -7.92 7.49
N SER A 240 7.76 -7.66 7.72
CA SER A 240 7.17 -7.73 9.03
C SER A 240 6.04 -8.75 9.01
N SER A 241 5.57 -9.06 10.21
CA SER A 241 4.67 -10.18 10.43
C SER A 241 3.87 -9.95 11.70
N ASN A 242 3.20 -11.01 12.17
N ASN A 242 3.23 -11.01 12.16
CA ASN A 242 2.49 -10.93 13.44
CA ASN A 242 2.52 -10.98 13.41
C ASN A 242 3.44 -10.98 14.64
C ASN A 242 3.41 -11.21 14.63
N THR A 243 4.71 -11.33 14.43
CA THR A 243 5.64 -11.44 15.55
C THR A 243 6.28 -10.07 15.86
N GLU A 244 7.22 -10.07 16.78
CA GLU A 244 7.85 -8.81 17.15
C GLU A 244 9.00 -8.42 16.23
N THR A 245 9.47 -9.30 15.37
CA THR A 245 10.70 -9.05 14.61
C THR A 245 10.32 -8.48 13.26
N VAL A 246 10.98 -7.38 12.88
CA VAL A 246 10.99 -6.91 11.51
C VAL A 246 12.40 -7.16 11.00
N HIS A 247 12.50 -7.80 9.85
CA HIS A 247 13.76 -8.11 9.21
C HIS A 247 13.98 -7.13 8.08
N ILE A 248 15.18 -6.59 7.99
CA ILE A 248 15.56 -5.75 6.89
C ILE A 248 16.68 -6.45 6.14
N PHE A 249 16.47 -6.67 4.85
CA PHE A 249 17.43 -7.31 3.98
C PHE A 249 18.05 -6.28 3.06
N LYS A 250 19.31 -6.51 2.70
CA LYS A 250 20.03 -5.65 1.79
C LYS A 250 20.22 -6.38 0.48
N LEU A 251 19.82 -5.73 -0.61
CA LEU A 251 19.87 -6.37 -1.93
C LEU A 251 21.29 -6.21 -2.45
N GLU A 252 22.14 -7.14 -2.01
CA GLU A 252 23.52 -7.23 -2.47
C GLU A 252 23.88 -8.72 -2.44
N THR A 253 25.09 -9.02 -2.86
CA THR A 253 25.57 -10.40 -2.78
C THR A 253 26.98 -10.46 -2.22
N ARG A 292 21.33 -14.44 6.90
CA ARG A 292 21.16 -13.55 8.03
C ARG A 292 20.64 -12.19 7.56
N ALA A 293 19.60 -11.70 8.23
CA ALA A 293 19.09 -10.38 7.92
C ALA A 293 20.17 -9.33 8.15
N PHE A 294 20.17 -8.31 7.28
CA PHE A 294 21.15 -7.22 7.42
C PHE A 294 20.91 -6.42 8.68
N ALA A 295 19.63 -6.19 9.01
CA ALA A 295 19.27 -5.49 10.23
C ALA A 295 17.95 -6.03 10.74
N THR A 296 17.71 -5.82 12.02
CA THR A 296 16.47 -6.28 12.62
C THR A 296 15.97 -5.24 13.60
N VAL A 297 14.68 -5.28 13.84
CA VAL A 297 14.12 -4.46 14.90
C VAL A 297 13.16 -5.33 15.68
N ARG A 298 13.05 -5.05 16.96
CA ARG A 298 12.14 -5.71 17.86
CA ARG A 298 12.15 -5.71 17.88
C ARG A 298 11.09 -4.70 18.29
N LEU A 299 9.84 -4.95 17.90
CA LEU A 299 8.74 -4.07 18.19
C LEU A 299 8.30 -4.21 19.65
N PRO A 300 7.87 -3.11 20.27
CA PRO A 300 7.34 -3.20 21.63
C PRO A 300 5.98 -3.87 21.70
N PHE A 301 5.32 -4.04 20.56
CA PHE A 301 3.96 -4.55 20.51
C PHE A 301 3.84 -5.48 19.33
N CYS A 302 3.18 -6.63 19.52
CA CYS A 302 3.04 -7.61 18.47
C CYS A 302 1.74 -8.37 18.67
N GLY A 303 1.50 -9.34 17.79
CA GLY A 303 0.31 -10.19 17.85
C GLY A 303 -0.64 -9.97 16.70
N HIS A 304 -0.42 -8.91 15.92
CA HIS A 304 -1.34 -8.43 14.91
C HIS A 304 -0.56 -7.98 13.70
N LYS A 305 -1.27 -7.86 12.59
CA LYS A 305 -0.67 -7.32 11.38
CA LYS A 305 -0.65 -7.33 11.39
C LYS A 305 -0.21 -5.88 11.63
N ASN A 306 0.83 -5.50 10.92
CA ASN A 306 1.30 -4.13 10.95
C ASN A 306 1.60 -3.70 9.52
N ILE A 307 1.87 -2.44 9.41
CA ILE A 307 2.37 -1.92 8.07
CA ILE A 307 2.36 -1.90 8.08
C ILE A 307 3.83 -1.21 8.16
N CYS A 308 4.72 -1.50 7.31
CA CYS A 308 5.99 -0.89 7.44
C CYS A 308 6.33 -0.18 6.17
N SER A 309 7.26 0.75 6.31
CA SER A 309 7.85 1.35 5.16
C SER A 309 9.27 1.77 5.51
N LEU A 310 10.06 1.89 4.48
CA LEU A 310 11.43 2.37 4.57
C LEU A 310 11.49 3.72 3.90
N ALA A 311 11.87 4.75 4.65
CA ALA A 311 11.83 6.13 4.20
C ALA A 311 13.04 6.88 4.74
N THR A 312 13.67 7.70 3.89
CA THR A 312 14.73 8.59 4.34
C THR A 312 14.10 9.90 4.80
N ILE A 313 14.36 10.25 6.05
CA ILE A 313 13.80 11.44 6.67
C ILE A 313 14.96 12.20 7.30
N GLN A 314 15.11 13.47 6.91
CA GLN A 314 16.18 14.32 7.45
C GLN A 314 17.52 13.61 7.31
N LYS A 315 17.73 13.00 6.14
CA LYS A 315 18.98 12.44 5.69
C LYS A 315 19.38 11.14 6.38
N ILE A 316 18.49 10.53 7.15
CA ILE A 316 18.76 9.27 7.84
C ILE A 316 17.71 8.26 7.40
N PRO A 317 18.10 7.07 6.93
CA PRO A 317 17.12 6.04 6.57
C PRO A 317 16.40 5.53 7.80
N ARG A 318 15.08 5.43 7.69
CA ARG A 318 14.22 5.02 8.79
C ARG A 318 13.39 3.80 8.40
N LEU A 319 13.03 3.03 9.40
CA LEU A 319 11.94 2.06 9.31
C LEU A 319 10.76 2.65 10.08
N LEU A 320 9.62 2.74 9.42
CA LEU A 320 8.39 3.21 10.03
C LEU A 320 7.42 2.04 10.14
N VAL A 321 6.87 1.81 11.33
CA VAL A 321 5.95 0.70 11.55
C VAL A 321 4.67 1.25 12.16
N GLY A 322 3.55 1.06 11.46
CA GLY A 322 2.24 1.32 12.03
C GLY A 322 1.68 0.06 12.62
N ALA A 323 1.32 0.12 13.89
CA ALA A 323 0.88 -1.05 14.64
C ALA A 323 -0.52 -0.91 15.17
N ALA A 324 -1.09 -2.09 15.51
CA ALA A 324 -2.48 -2.17 15.90
C ALA A 324 -2.74 -1.65 17.31
N ASP A 325 -1.70 -1.29 18.06
CA ASP A 325 -1.86 -0.62 19.32
C ASP A 325 -2.04 0.89 19.20
N GLY A 326 -2.12 1.42 17.98
CA GLY A 326 -2.35 2.82 17.77
C GLY A 326 -1.11 3.67 17.70
N TYR A 327 0.07 3.07 17.61
CA TYR A 327 1.33 3.80 17.51
C TYR A 327 1.98 3.62 16.16
N LEU A 328 2.66 4.69 15.73
CA LEU A 328 3.66 4.68 14.68
C LEU A 328 5.02 4.62 15.39
N TYR A 329 5.79 3.58 15.11
CA TYR A 329 7.14 3.43 15.64
C TYR A 329 8.17 3.80 14.58
N MET A 330 9.20 4.53 14.99
CA MET A 330 10.18 5.11 14.08
C MET A 330 11.54 4.62 14.52
N TYR A 331 12.23 3.86 13.67
CA TYR A 331 13.57 3.33 13.94
C TYR A 331 14.56 3.86 12.93
N ASN A 332 15.82 3.97 13.38
CA ASN A 332 16.89 4.35 12.48
C ASN A 332 17.58 3.12 11.93
N LEU A 333 17.82 3.11 10.63
CA LEU A 333 18.61 2.08 9.99
C LEU A 333 20.02 2.62 9.77
N ASP A 334 21.01 1.82 10.16
CA ASP A 334 22.40 2.07 9.77
C ASP A 334 22.64 1.36 8.43
N PRO A 335 22.70 2.08 7.31
CA PRO A 335 22.76 1.41 6.00
C PRO A 335 24.11 0.79 5.70
N GLN A 336 25.16 1.15 6.44
CA GLN A 336 26.46 0.55 6.20
C GLN A 336 26.65 -0.76 6.97
N GLU A 337 26.31 -0.76 8.27
CA GLU A 337 26.59 -1.90 9.15
C GLU A 337 25.36 -2.65 9.64
N GLY A 338 24.19 -2.02 9.64
CA GLY A 338 22.98 -2.76 10.00
C GLY A 338 22.96 -3.12 11.48
N GLY A 339 22.49 -4.33 11.76
CA GLY A 339 22.34 -4.83 13.12
C GLY A 339 21.03 -4.43 13.75
N GLU A 340 21.00 -4.33 15.07
CA GLU A 340 19.79 -3.98 15.80
C GLU A 340 19.54 -2.49 15.69
N CYS A 341 18.33 -2.12 15.28
CA CYS A 341 18.00 -0.71 15.05
C CYS A 341 17.36 -0.13 16.30
N ALA A 342 17.70 1.12 16.59
CA ALA A 342 17.19 1.78 17.79
C ALA A 342 15.86 2.47 17.53
N LEU A 343 14.97 2.35 18.50
CA LEU A 343 13.70 3.07 18.47
C LEU A 343 13.96 4.52 18.82
N MET A 344 13.64 5.41 17.89
CA MET A 344 13.86 6.83 18.07
CA MET A 344 13.86 6.83 18.06
C MET A 344 12.64 7.55 18.58
N LYS A 345 11.45 7.14 18.14
CA LYS A 345 10.27 7.89 18.50
C LYS A 345 9.08 6.98 18.30
N GLN A 346 8.05 7.22 19.09
CA GLN A 346 6.72 6.68 18.78
C GLN A 346 5.73 7.82 18.85
N HIS A 347 4.70 7.72 18.01
CA HIS A 347 3.66 8.73 17.92
C HIS A 347 2.32 8.06 17.89
N ARG A 348 1.32 8.69 18.50
CA ARG A 348 -0.06 8.18 18.37
C ARG A 348 -0.61 8.41 16.96
N LEU A 349 -1.13 7.34 16.36
CA LEU A 349 -1.77 7.44 15.04
C LEU A 349 -3.01 8.32 15.06
N ASP A 350 -3.68 8.49 16.20
CA ASP A 350 -4.87 9.33 16.23
C ASP A 350 -4.53 10.81 16.42
N GLY A 351 -3.24 11.16 16.40
CA GLY A 351 -2.82 12.54 16.53
C GLY A 351 -2.65 13.06 17.94
N SER A 352 -2.87 12.22 18.95
CA SER A 352 -2.76 12.67 20.33
C SER A 352 -1.32 12.99 20.70
N LEU A 353 -1.16 13.90 21.66
CA LEU A 353 0.13 14.16 22.27
C LEU A 353 0.10 13.66 23.71
N ASN B 7 -29.99 13.95 -23.70
CA ASN B 7 -29.41 13.34 -22.50
C ASN B 7 -27.97 12.92 -22.72
N GLU B 8 -27.62 12.63 -23.99
CA GLU B 8 -26.25 12.22 -24.32
C GLU B 8 -25.29 13.40 -24.38
N LYS B 9 -25.76 14.55 -24.88
CA LYS B 9 -24.92 15.75 -24.87
C LYS B 9 -24.58 16.15 -23.44
N ASP B 10 -25.53 15.96 -22.51
CA ASP B 10 -25.29 16.29 -21.11
C ASP B 10 -24.35 15.29 -20.45
N SER B 11 -24.47 14.00 -20.80
CA SER B 11 -23.50 13.03 -20.31
C SER B 11 -22.09 13.41 -20.75
N ARG B 12 -21.94 13.89 -22.00
CA ARG B 12 -20.61 14.32 -22.43
C ARG B 12 -20.15 15.54 -21.66
N ARG B 13 -21.08 16.45 -21.31
CA ARG B 13 -20.71 17.62 -20.51
C ARG B 13 -20.22 17.21 -19.13
N ARG B 14 -20.94 16.28 -18.47
CA ARG B 14 -20.51 15.81 -17.16
C ARG B 14 -19.18 15.08 -17.24
N GLN B 15 -18.92 14.34 -18.33
CA GLN B 15 -17.64 13.63 -18.44
C GLN B 15 -16.49 14.61 -18.67
N ALA B 16 -16.73 15.67 -19.44
CA ALA B 16 -15.68 16.67 -19.61
C ALA B 16 -15.34 17.35 -18.29
N ARG B 17 -16.37 17.63 -17.48
CA ARG B 17 -16.15 18.22 -16.15
C ARG B 17 -15.37 17.27 -15.25
N LEU B 18 -15.74 15.98 -15.28
CA LEU B 18 -15.03 14.99 -14.48
C LEU B 18 -13.55 14.91 -14.88
N GLN B 19 -13.27 14.88 -16.18
CA GLN B 19 -11.88 14.85 -16.65
C GLN B 19 -11.12 16.06 -16.13
N LYS B 20 -11.71 17.25 -16.24
CA LYS B 20 -11.03 18.46 -15.76
C LYS B 20 -10.79 18.39 -14.26
N GLU B 21 -11.78 17.92 -13.49
CA GLU B 21 -11.63 17.89 -12.04
C GLU B 21 -10.60 16.86 -11.59
N LEU B 22 -10.54 15.71 -12.26
CA LEU B 22 -9.53 14.70 -11.91
C LEU B 22 -8.14 15.20 -12.24
N ALA B 23 -7.95 15.89 -13.36
CA ALA B 23 -6.64 16.41 -13.69
C ALA B 23 -6.18 17.43 -12.68
N GLU B 24 -7.12 18.30 -12.24
CA GLU B 24 -6.79 19.33 -11.26
C GLU B 24 -6.42 18.72 -9.92
N ALA B 25 -7.18 17.73 -9.48
CA ALA B 25 -6.89 17.15 -8.17
C ALA B 25 -5.57 16.40 -8.19
N ALA B 26 -5.19 15.81 -9.33
CA ALA B 26 -3.95 15.05 -9.42
C ALA B 26 -2.70 15.92 -9.55
N LYS B 27 -2.85 17.23 -9.72
CA LYS B 27 -1.68 18.10 -9.82
C LYS B 27 -0.84 17.99 -8.55
N GLU B 28 0.48 17.87 -8.73
CA GLU B 28 1.39 17.76 -7.59
C GLU B 28 2.19 19.04 -7.45
N PRO B 29 2.53 19.46 -6.23
CA PRO B 29 3.23 20.76 -6.10
C PRO B 29 4.67 20.69 -6.61
#